data_6QTM
#
_entry.id   6QTM
#
_cell.length_a   58.930
_cell.length_b   58.930
_cell.length_c   270.460
_cell.angle_alpha   90.00
_cell.angle_beta   90.00
_cell.angle_gamma   90.00
#
_symmetry.space_group_name_H-M   'P 41 21 2'
#
loop_
_entity.id
_entity.type
_entity.pdbx_description
1 polymer 'Regulatory protein SIR4'
2 polymer 'Ribonuclease H'
3 non-polymer 'SULFATE ION'
4 water water
#
loop_
_entity_poly.entity_id
_entity_poly.type
_entity_poly.pdbx_seq_one_letter_code
_entity_poly.pdbx_strand_id
1 'polypeptide(L)'
;GPKPKNTKENLSKSSWRQEWLANLKLISVSLVDEFPSELSDSDRQIINEK(MSE)QLLKDIFANNLKSAISNNFRESDII
ILKGEIEDYP(MSE)SSEIKIYYNELQNKPDAKKARFWSF(MSE)KTQRFVSN(MSE)GFDIQ
;
A,B,C
2 'polypeptide(L)' ESPPSLDS(SEP)PPNTSFNA D,E,F
#
# COMPACT_ATOMS: atom_id res chain seq x y z
N LEU A 11 -14.90 43.80 -11.84
CA LEU A 11 -13.53 43.28 -11.91
C LEU A 11 -12.97 42.83 -10.52
N SER A 12 -13.83 42.86 -9.46
CA SER A 12 -13.49 42.49 -8.07
C SER A 12 -14.64 41.84 -7.26
N LYS A 13 -14.28 41.02 -6.21
CA LYS A 13 -15.11 40.31 -5.19
C LYS A 13 -15.66 38.92 -5.66
N SER A 14 -16.92 38.89 -6.14
CA SER A 14 -17.64 37.72 -6.65
C SER A 14 -17.57 37.66 -8.17
N SER A 15 -17.10 38.75 -8.83
CA SER A 15 -16.91 38.75 -10.29
C SER A 15 -15.89 37.65 -10.63
N TRP A 16 -14.84 37.58 -9.80
CA TRP A 16 -13.75 36.62 -9.88
C TRP A 16 -14.31 35.22 -9.64
N ARG A 17 -15.12 35.03 -8.56
CA ARG A 17 -15.76 33.75 -8.22
C ARG A 17 -16.65 33.27 -9.37
N GLN A 18 -17.47 34.19 -9.93
CA GLN A 18 -18.37 33.93 -11.05
C GLN A 18 -17.64 33.58 -12.34
N GLU A 19 -16.54 34.29 -12.63
CA GLU A 19 -15.72 34.00 -13.81
C GLU A 19 -15.07 32.62 -13.70
N TRP A 20 -14.61 32.24 -12.49
CA TRP A 20 -14.02 30.93 -12.22
C TRP A 20 -15.05 29.83 -12.37
N LEU A 21 -16.23 30.00 -11.76
CA LEU A 21 -17.33 29.04 -11.80
C LEU A 21 -17.68 28.62 -13.23
N ALA A 22 -17.63 29.59 -14.14
CA ALA A 22 -17.89 29.43 -15.57
C ALA A 22 -16.77 28.63 -16.22
N ASN A 23 -15.49 28.98 -15.94
CA ASN A 23 -14.32 28.29 -16.51
C ASN A 23 -14.23 26.85 -16.09
N LEU A 24 -14.47 26.59 -14.78
CA LEU A 24 -14.41 25.26 -14.18
C LEU A 24 -15.38 24.28 -14.82
N LYS A 25 -16.52 24.79 -15.39
CA LYS A 25 -17.49 23.97 -16.09
C LYS A 25 -16.88 23.44 -17.39
N LEU A 26 -15.80 24.09 -17.85
CA LEU A 26 -15.09 23.76 -19.09
C LEU A 26 -13.66 23.29 -18.80
N ILE A 27 -13.44 22.74 -17.60
CA ILE A 27 -12.13 22.23 -17.20
C ILE A 27 -12.17 20.75 -16.77
N SER A 28 -11.07 20.05 -17.13
CA SER A 28 -10.78 18.68 -16.71
C SER A 28 -9.76 18.78 -15.55
N VAL A 29 -10.10 18.22 -14.39
CA VAL A 29 -9.27 18.24 -13.18
C VAL A 29 -8.80 16.84 -12.81
N SER A 30 -7.50 16.66 -12.70
CA SER A 30 -6.99 15.38 -12.27
C SER A 30 -6.36 15.54 -10.91
N LEU A 31 -6.68 14.62 -9.98
CA LEU A 31 -6.11 14.62 -8.63
C LEU A 31 -5.12 13.45 -8.59
N VAL A 32 -3.85 13.81 -8.38
CA VAL A 32 -2.62 13.02 -8.32
C VAL A 32 -2.69 11.86 -7.30
N ASP A 33 -2.02 10.72 -7.63
CA ASP A 33 -1.94 9.50 -6.79
C ASP A 33 -0.66 9.43 -5.93
N GLU A 34 0.44 10.05 -6.44
CA GLU A 34 1.78 10.07 -5.83
C GLU A 34 1.86 11.09 -4.70
N PHE A 35 2.82 10.88 -3.79
CA PHE A 35 3.02 11.77 -2.64
C PHE A 35 4.42 12.41 -2.65
N PRO A 36 4.62 13.53 -1.94
CA PRO A 36 5.97 14.07 -1.79
C PRO A 36 6.77 13.18 -0.84
N SER A 37 8.10 13.25 -0.91
CA SER A 37 9.04 12.45 -0.09
C SER A 37 8.90 12.61 1.45
N GLU A 38 9.34 11.57 2.18
CA GLU A 38 9.46 11.47 3.62
C GLU A 38 8.14 11.58 4.42
N LEU A 39 7.06 10.87 4.02
CA LEU A 39 5.80 10.97 4.79
C LEU A 39 5.41 9.71 5.56
N SER A 40 4.84 9.88 6.78
CA SER A 40 4.40 8.74 7.60
C SER A 40 3.03 8.28 7.13
N ASP A 41 2.62 7.07 7.55
CA ASP A 41 1.33 6.48 7.17
C ASP A 41 0.13 7.39 7.55
N SER A 42 0.21 8.05 8.75
CA SER A 42 -0.78 9.02 9.28
C SER A 42 -0.79 10.26 8.43
N ASP A 43 0.41 10.86 8.20
CA ASP A 43 0.61 12.04 7.35
C ASP A 43 -0.12 11.82 6.02
N ARG A 44 0.15 10.69 5.36
CA ARG A 44 -0.48 10.29 4.11
C ARG A 44 -2.01 10.13 4.22
N GLN A 45 -2.51 9.51 5.31
CA GLN A 45 -3.94 9.32 5.54
C GLN A 45 -4.67 10.64 5.62
N ILE A 46 -4.19 11.54 6.50
CA ILE A 46 -4.71 12.89 6.72
C ILE A 46 -4.83 13.62 5.36
N ILE A 47 -3.75 13.60 4.54
CA ILE A 47 -3.72 14.19 3.19
C ILE A 47 -4.79 13.57 2.32
N ASN A 48 -4.86 12.22 2.29
CA ASN A 48 -5.83 11.46 1.48
C ASN A 48 -7.28 11.83 1.78
N GLU A 49 -7.65 11.94 3.08
CA GLU A 49 -8.98 12.36 3.48
C GLU A 49 -9.31 13.73 2.87
N LYS A 50 -8.37 14.70 3.03
CA LYS A 50 -8.52 16.06 2.50
C LYS A 50 -8.64 16.06 0.98
N GLN A 52 -9.73 13.69 -0.97
CA GLN A 52 -11.06 13.14 -1.21
C GLN A 52 -12.18 14.20 -1.21
N LEU A 53 -12.18 15.16 -0.26
CA LEU A 53 -13.21 16.20 -0.23
C LEU A 53 -12.99 17.21 -1.38
N LEU A 54 -11.71 17.51 -1.70
CA LEU A 54 -11.33 18.46 -2.76
C LEU A 54 -11.85 17.94 -4.08
N LYS A 55 -11.73 16.60 -4.26
CA LYS A 55 -12.24 15.85 -5.40
C LYS A 55 -13.75 16.06 -5.50
N ASP A 56 -14.48 15.99 -4.36
CA ASP A 56 -15.93 16.22 -4.32
C ASP A 56 -16.30 17.64 -4.73
N ILE A 57 -15.69 18.68 -4.12
CA ILE A 57 -15.94 20.10 -4.44
C ILE A 57 -15.74 20.32 -5.93
N PHE A 58 -14.65 19.80 -6.49
CA PHE A 58 -14.37 19.95 -7.92
C PHE A 58 -15.41 19.30 -8.79
N ALA A 59 -15.80 18.07 -8.48
CA ALA A 59 -16.80 17.34 -9.26
C ALA A 59 -18.21 17.89 -9.09
N ASN A 60 -18.72 17.91 -7.86
CA ASN A 60 -20.08 18.26 -7.46
C ASN A 60 -20.42 19.75 -7.42
N ASN A 61 -19.52 20.57 -6.89
CA ASN A 61 -19.79 21.99 -6.71
C ASN A 61 -19.24 22.85 -7.82
N LEU A 62 -17.98 22.63 -8.20
CA LEU A 62 -17.35 23.43 -9.25
C LEU A 62 -17.66 22.91 -10.65
N LYS A 63 -18.37 21.76 -10.74
CA LYS A 63 -18.87 21.10 -11.95
C LYS A 63 -17.75 20.73 -12.98
N SER A 64 -16.51 20.56 -12.49
CA SER A 64 -15.36 20.16 -13.33
C SER A 64 -15.44 18.68 -13.59
N ALA A 65 -14.72 18.19 -14.62
CA ALA A 65 -14.69 16.75 -14.96
C ALA A 65 -13.51 16.14 -14.26
N ILE A 66 -13.70 15.01 -13.57
CA ILE A 66 -12.59 14.40 -12.85
C ILE A 66 -11.85 13.49 -13.78
N SER A 67 -10.58 13.82 -14.04
CA SER A 67 -9.72 13.02 -14.90
C SER A 67 -8.91 11.97 -14.13
N ASN A 68 -8.73 10.79 -14.73
CA ASN A 68 -7.94 9.70 -14.15
C ASN A 68 -6.56 9.68 -14.81
N ASN A 69 -6.30 10.68 -15.66
CA ASN A 69 -5.04 10.83 -16.36
C ASN A 69 -4.62 12.27 -16.14
N PHE A 70 -3.51 12.50 -15.46
CA PHE A 70 -3.12 13.88 -15.19
C PHE A 70 -2.64 14.62 -16.43
N ARG A 71 -2.27 13.86 -17.47
CA ARG A 71 -1.81 14.42 -18.73
C ARG A 71 -3.01 14.92 -19.51
N GLU A 72 -4.19 14.28 -19.30
CA GLU A 72 -5.43 14.71 -19.93
C GLU A 72 -6.28 15.65 -19.02
N SER A 73 -5.64 16.71 -18.47
CA SER A 73 -6.31 17.68 -17.61
C SER A 73 -5.70 19.08 -17.68
N ASP A 74 -6.55 20.13 -17.45
CA ASP A 74 -6.19 21.56 -17.43
C ASP A 74 -5.71 22.04 -16.04
N ILE A 75 -6.17 21.36 -14.96
CA ILE A 75 -5.79 21.60 -13.56
C ILE A 75 -5.44 20.23 -12.90
N ILE A 76 -4.21 20.13 -12.31
CA ILE A 76 -3.61 18.97 -11.62
C ILE A 76 -3.50 19.30 -10.12
N ILE A 77 -4.15 18.52 -9.25
CA ILE A 77 -4.12 18.74 -7.81
C ILE A 77 -3.12 17.77 -7.12
N LEU A 78 -2.02 18.36 -6.59
CA LEU A 78 -0.90 17.69 -5.91
C LEU A 78 -1.16 17.44 -4.43
N LYS A 79 -0.50 16.39 -3.87
CA LYS A 79 -0.60 16.00 -2.46
C LYS A 79 0.45 16.76 -1.61
N GLY A 80 0.99 17.83 -2.19
CA GLY A 80 1.99 18.68 -1.57
C GLY A 80 2.61 19.62 -2.58
N GLU A 81 3.75 20.21 -2.24
CA GLU A 81 4.45 21.12 -3.15
C GLU A 81 5.23 20.30 -4.17
N ILE A 82 5.23 20.74 -5.45
CA ILE A 82 5.93 20.05 -6.54
C ILE A 82 7.45 19.88 -6.25
N GLU A 83 8.04 20.86 -5.56
CA GLU A 83 9.45 20.84 -5.17
C GLU A 83 9.77 19.66 -4.25
N ASP A 84 8.81 19.27 -3.39
CA ASP A 84 8.94 18.15 -2.45
C ASP A 84 8.77 16.77 -3.11
N TYR A 85 8.28 16.75 -4.36
CA TYR A 85 8.12 15.50 -5.10
C TYR A 85 9.47 15.03 -5.63
N PRO A 86 9.79 13.71 -5.57
CA PRO A 86 11.07 13.25 -6.10
C PRO A 86 11.13 13.36 -7.62
N SER A 88 12.20 11.30 -9.79
CA SER A 88 11.81 10.01 -10.34
C SER A 88 10.28 9.78 -10.48
N SER A 89 9.45 10.59 -9.79
CA SER A 89 7.99 10.43 -9.83
C SER A 89 7.41 10.90 -11.15
N GLU A 90 6.43 10.14 -11.67
CA GLU A 90 5.71 10.37 -12.93
C GLU A 90 5.28 11.81 -13.10
N ILE A 91 4.63 12.38 -12.04
CA ILE A 91 4.12 13.74 -12.03
C ILE A 91 5.25 14.78 -12.16
N LYS A 92 6.35 14.64 -11.38
CA LYS A 92 7.48 15.58 -11.46
C LYS A 92 8.09 15.54 -12.86
N ILE A 93 8.22 14.32 -13.44
CA ILE A 93 8.71 14.08 -14.80
C ILE A 93 7.87 14.85 -15.81
N TYR A 94 6.52 14.76 -15.68
CA TYR A 94 5.56 15.45 -16.54
C TYR A 94 5.64 16.97 -16.38
N TYR A 95 5.79 17.45 -15.13
CA TYR A 95 5.91 18.88 -14.80
C TYR A 95 7.16 19.45 -15.48
N ASN A 96 8.27 18.72 -15.41
CA ASN A 96 9.54 19.07 -16.00
C ASN A 96 9.48 19.13 -17.52
N GLU A 97 8.69 18.24 -18.18
CA GLU A 97 8.63 18.30 -19.66
C GLU A 97 7.73 19.46 -20.12
N LEU A 98 6.76 19.84 -19.28
CA LEU A 98 5.88 20.97 -19.57
C LEU A 98 6.62 22.31 -19.42
N GLN A 99 7.89 22.30 -18.94
CA GLN A 99 8.70 23.51 -18.83
C GLN A 99 9.14 24.00 -20.21
N ASN A 100 9.08 23.11 -21.25
CA ASN A 100 9.38 23.48 -22.63
C ASN A 100 8.08 23.64 -23.47
N LYS A 101 7.51 24.86 -23.47
CA LYS A 101 6.26 25.20 -24.17
C LYS A 101 6.41 25.21 -25.69
N LYS A 106 -0.30 25.35 -21.16
CA LYS A 106 -0.04 24.15 -20.38
C LYS A 106 -0.89 24.07 -19.09
N ALA A 107 -0.94 22.87 -18.48
CA ALA A 107 -1.71 22.59 -17.28
C ALA A 107 -1.25 23.36 -16.04
N ARG A 108 -2.17 23.60 -15.10
CA ARG A 108 -1.92 24.30 -13.84
C ARG A 108 -1.66 23.30 -12.70
N PHE A 109 -0.41 23.26 -12.18
CA PHE A 109 -0.01 22.36 -11.10
C PHE A 109 -0.19 23.05 -9.76
N TRP A 110 -1.27 22.69 -9.07
CA TRP A 110 -1.60 23.27 -7.78
C TRP A 110 -1.19 22.40 -6.60
N SER A 111 -0.53 23.02 -5.61
CA SER A 111 -0.17 22.33 -4.38
C SER A 111 -1.43 22.11 -3.56
N PHE A 112 -1.34 21.10 -2.71
CA PHE A 112 -2.37 20.66 -1.80
C PHE A 112 -2.93 21.81 -0.97
N LYS A 114 -2.55 25.16 -1.82
CA LYS A 114 -3.05 26.15 -2.77
C LYS A 114 -4.46 25.76 -3.17
N THR A 115 -4.71 24.46 -3.44
CA THR A 115 -6.04 23.96 -3.82
C THR A 115 -7.04 24.23 -2.70
N GLN A 116 -6.62 23.97 -1.44
CA GLN A 116 -7.41 24.20 -0.23
C GLN A 116 -7.80 25.67 -0.13
N ARG A 117 -6.83 26.58 -0.39
CA ARG A 117 -7.01 28.02 -0.38
C ARG A 117 -8.05 28.39 -1.42
N PHE A 118 -7.87 27.92 -2.69
CA PHE A 118 -8.78 28.18 -3.82
C PHE A 118 -10.23 27.83 -3.51
N VAL A 119 -10.50 26.55 -3.17
CA VAL A 119 -11.86 26.10 -2.83
C VAL A 119 -12.49 26.99 -1.73
N SER A 120 -11.68 27.38 -0.72
CA SER A 120 -12.10 28.24 0.39
C SER A 120 -12.54 29.61 -0.13
N ASN A 121 -11.83 30.15 -1.15
CA ASN A 121 -12.19 31.43 -1.77
C ASN A 121 -13.42 31.24 -2.65
N GLY A 123 -15.89 29.49 -1.77
CA GLY A 123 -16.95 29.34 -0.78
C GLY A 123 -17.09 27.92 -0.27
N PHE A 124 -16.03 27.11 -0.42
CA PHE A 124 -16.03 25.72 0.02
C PHE A 124 -14.85 25.47 0.96
N ASP A 125 -15.08 25.73 2.26
CA ASP A 125 -14.03 25.58 3.27
C ASP A 125 -13.97 24.17 3.83
N ILE A 126 -12.80 23.80 4.42
CA ILE A 126 -12.54 22.52 5.10
C ILE A 126 -12.11 22.79 6.57
N LEU B 11 -26.83 4.07 -12.67
CA LEU B 11 -25.48 4.37 -13.14
C LEU B 11 -24.88 3.24 -13.99
N SER B 12 -23.98 3.61 -14.94
CA SER B 12 -23.23 2.64 -15.74
C SER B 12 -22.11 2.10 -14.87
N LYS B 13 -21.75 0.80 -15.06
CA LYS B 13 -20.67 0.16 -14.30
C LYS B 13 -19.32 0.70 -14.75
N SER B 14 -19.29 1.36 -15.92
CA SER B 14 -18.11 2.02 -16.48
C SER B 14 -17.90 3.31 -15.70
N SER B 15 -19.00 4.03 -15.37
CA SER B 15 -18.98 5.28 -14.59
C SER B 15 -18.52 4.93 -13.19
N TRP B 16 -19.02 3.79 -12.66
CA TRP B 16 -18.73 3.25 -11.36
C TRP B 16 -17.25 2.90 -11.28
N ARG B 17 -16.72 2.17 -12.28
CA ARG B 17 -15.31 1.77 -12.36
C ARG B 17 -14.41 3.01 -12.37
N GLN B 18 -14.77 4.01 -13.23
CA GLN B 18 -14.04 5.28 -13.37
C GLN B 18 -14.06 6.11 -12.11
N GLU B 19 -15.23 6.18 -11.41
CA GLU B 19 -15.36 6.91 -10.16
C GLU B 19 -14.49 6.30 -9.09
N TRP B 20 -14.43 4.95 -9.04
CA TRP B 20 -13.61 4.22 -8.08
C TRP B 20 -12.15 4.44 -8.33
N LEU B 21 -11.72 4.27 -9.60
CA LEU B 21 -10.33 4.43 -10.02
C LEU B 21 -9.71 5.74 -9.56
N ALA B 22 -10.53 6.82 -9.65
CA ALA B 22 -10.21 8.17 -9.24
C ALA B 22 -10.06 8.23 -7.72
N ASN B 23 -11.05 7.67 -6.96
CA ASN B 23 -11.03 7.65 -5.49
C ASN B 23 -9.87 6.87 -4.97
N LEU B 24 -9.56 5.76 -5.63
CA LEU B 24 -8.48 4.85 -5.26
C LEU B 24 -7.09 5.54 -5.27
N LYS B 25 -6.92 6.57 -6.10
CA LYS B 25 -5.70 7.36 -6.19
C LYS B 25 -5.58 8.23 -4.95
N LEU B 26 -6.68 8.40 -4.21
CA LEU B 26 -6.76 9.22 -3.01
C LEU B 26 -7.10 8.36 -1.77
N ILE B 27 -6.73 7.07 -1.82
CA ILE B 27 -6.99 6.12 -0.74
C ILE B 27 -5.73 5.44 -0.25
N SER B 28 -5.71 5.24 1.08
CA SER B 28 -4.70 4.50 1.80
C SER B 28 -5.30 3.12 2.07
N VAL B 29 -4.68 2.07 1.51
CA VAL B 29 -5.13 0.67 1.69
C VAL B 29 -4.14 -0.11 2.57
N SER B 30 -4.62 -0.69 3.69
CA SER B 30 -3.81 -1.52 4.59
C SER B 30 -4.21 -3.00 4.57
N LEU B 31 -3.21 -3.88 4.33
CA LEU B 31 -3.37 -5.34 4.31
C LEU B 31 -2.89 -5.93 5.64
N VAL B 32 -3.85 -6.56 6.34
CA VAL B 32 -3.81 -7.16 7.67
C VAL B 32 -2.77 -8.27 7.80
N ASP B 33 -2.17 -8.44 9.01
CA ASP B 33 -1.17 -9.48 9.35
C ASP B 33 -1.77 -10.71 10.06
N GLU B 34 -2.87 -10.51 10.82
CA GLU B 34 -3.57 -11.53 11.63
C GLU B 34 -4.46 -12.40 10.74
N PHE B 35 -4.67 -13.65 11.18
CA PHE B 35 -5.50 -14.65 10.50
C PHE B 35 -6.79 -14.88 11.26
N PRO B 36 -7.92 -15.18 10.55
CA PRO B 36 -9.19 -15.36 11.25
C PRO B 36 -9.14 -16.37 12.38
N SER B 37 -8.83 -17.62 12.08
CA SER B 37 -8.81 -18.63 13.14
C SER B 37 -7.63 -19.55 12.98
N GLU B 38 -7.64 -20.65 13.75
CA GLU B 38 -6.63 -21.69 13.66
C GLU B 38 -6.90 -22.41 12.33
N LEU B 39 -5.99 -22.15 11.38
CA LEU B 39 -5.89 -22.58 9.98
C LEU B 39 -4.63 -23.43 9.79
N SER B 40 -4.59 -24.26 8.73
CA SER B 40 -3.43 -25.12 8.43
C SER B 40 -2.32 -24.28 7.78
N ASP B 41 -1.05 -24.79 7.77
CA ASP B 41 0.09 -24.10 7.14
C ASP B 41 -0.16 -23.80 5.63
N SER B 42 -0.81 -24.76 4.91
CA SER B 42 -1.22 -24.67 3.48
C SER B 42 -2.30 -23.62 3.34
N ASP B 43 -3.38 -23.74 4.16
CA ASP B 43 -4.50 -22.79 4.19
C ASP B 43 -3.95 -21.36 4.26
N ARG B 44 -3.06 -21.11 5.24
CA ARG B 44 -2.37 -19.83 5.44
C ARG B 44 -1.53 -19.39 4.24
N GLN B 45 -0.75 -20.35 3.64
CA GLN B 45 0.08 -20.06 2.47
C GLN B 45 -0.76 -19.59 1.28
N ILE B 46 -1.80 -20.35 0.92
CA ILE B 46 -2.72 -20.06 -0.16
C ILE B 46 -3.27 -18.65 0.01
N ILE B 47 -3.76 -18.30 1.22
CA ILE B 47 -4.29 -16.96 1.56
C ILE B 47 -3.19 -15.90 1.34
N ASN B 48 -1.98 -16.16 1.89
CA ASN B 48 -0.83 -15.26 1.78
C ASN B 48 -0.44 -14.94 0.36
N GLU B 49 -0.41 -15.95 -0.54
CA GLU B 49 -0.11 -15.75 -1.96
C GLU B 49 -1.12 -14.74 -2.53
N LYS B 50 -2.44 -14.97 -2.29
CA LYS B 50 -3.52 -14.14 -2.76
C LYS B 50 -3.40 -12.71 -2.20
N GLN B 52 -0.75 -11.16 -1.18
CA GLN B 52 0.42 -10.60 -1.85
C GLN B 52 0.09 -9.97 -3.20
N LEU B 53 -0.77 -10.61 -4.01
CA LEU B 53 -1.15 -10.10 -5.34
C LEU B 53 -2.12 -8.94 -5.29
N LEU B 54 -3.08 -8.99 -4.35
CA LEU B 54 -4.05 -7.92 -4.15
C LEU B 54 -3.26 -6.68 -3.75
N LYS B 55 -2.24 -6.87 -2.88
CA LYS B 55 -1.34 -5.83 -2.43
C LYS B 55 -0.68 -5.19 -3.66
N ASP B 56 -0.21 -6.00 -4.64
CA ASP B 56 0.37 -5.49 -5.88
C ASP B 56 -0.65 -4.75 -6.72
N ILE B 57 -1.85 -5.33 -6.95
CA ILE B 57 -2.90 -4.69 -7.74
C ILE B 57 -3.19 -3.29 -7.15
N PHE B 58 -3.39 -3.24 -5.82
CA PHE B 58 -3.69 -2.00 -5.11
C PHE B 58 -2.61 -0.96 -5.25
N ALA B 59 -1.34 -1.37 -5.06
CA ALA B 59 -0.22 -0.46 -5.16
C ALA B 59 0.07 -0.01 -6.59
N ASN B 60 0.35 -0.97 -7.48
CA ASN B 60 0.78 -0.80 -8.87
C ASN B 60 -0.29 -0.42 -9.86
N ASN B 61 -1.46 -1.05 -9.79
CA ASN B 61 -2.52 -0.79 -10.79
C ASN B 61 -3.56 0.22 -10.34
N LEU B 62 -4.07 0.05 -9.11
CA LEU B 62 -5.09 0.96 -8.59
C LEU B 62 -4.51 2.27 -8.05
N LYS B 63 -3.16 2.34 -7.96
CA LYS B 63 -2.37 3.50 -7.54
C LYS B 63 -2.69 3.98 -6.10
N SER B 64 -3.18 3.04 -5.25
CA SER B 64 -3.46 3.35 -3.85
C SER B 64 -2.17 3.32 -3.08
N ALA B 65 -2.16 3.93 -1.87
CA ALA B 65 -0.96 3.94 -1.02
C ALA B 65 -1.04 2.74 -0.07
N ILE B 66 0.06 1.99 0.05
CA ILE B 66 0.04 0.85 0.93
C ILE B 66 0.43 1.27 2.33
N SER B 67 -0.53 1.16 3.28
CA SER B 67 -0.36 1.50 4.69
C SER B 67 0.09 0.29 5.51
N ASN B 68 0.97 0.54 6.49
CA ASN B 68 1.51 -0.48 7.38
C ASN B 68 0.76 -0.44 8.73
N ASN B 69 -0.16 0.52 8.88
CA ASN B 69 -0.95 0.76 10.07
C ASN B 69 -2.42 0.73 9.63
N PHE B 70 -3.19 -0.34 9.99
CA PHE B 70 -4.59 -0.48 9.53
C PHE B 70 -5.51 0.63 10.02
N ARG B 71 -5.09 1.33 11.09
CA ARG B 71 -5.83 2.45 11.66
C ARG B 71 -5.63 3.64 10.77
N GLU B 72 -4.48 3.75 10.09
CA GLU B 72 -4.23 4.86 9.16
C GLU B 72 -4.55 4.49 7.68
N SER B 73 -5.76 3.95 7.45
CA SER B 73 -6.21 3.58 6.10
C SER B 73 -7.73 3.69 5.92
N ASP B 74 -8.19 3.96 4.67
CA ASP B 74 -9.58 4.09 4.26
C ASP B 74 -10.21 2.75 3.90
N ILE B 75 -9.38 1.74 3.52
CA ILE B 75 -9.79 0.36 3.22
C ILE B 75 -8.78 -0.63 3.86
N ILE B 76 -9.31 -1.54 4.69
CA ILE B 76 -8.63 -2.60 5.43
C ILE B 76 -8.96 -3.99 4.77
N ILE B 77 -7.91 -4.70 4.30
CA ILE B 77 -8.03 -5.98 3.62
C ILE B 77 -7.68 -7.06 4.59
N LEU B 78 -8.71 -7.84 4.99
CA LEU B 78 -8.61 -8.95 5.97
C LEU B 78 -8.23 -10.25 5.30
N LYS B 79 -7.68 -11.22 6.08
CA LYS B 79 -7.31 -12.56 5.61
C LYS B 79 -8.48 -13.58 5.75
N GLY B 80 -9.68 -13.05 5.84
CA GLY B 80 -10.91 -13.80 5.97
C GLY B 80 -12.06 -12.89 6.34
N GLU B 81 -13.18 -13.47 6.81
CA GLU B 81 -14.33 -12.67 7.21
C GLU B 81 -14.09 -12.15 8.62
N ILE B 82 -14.45 -10.88 8.88
CA ILE B 82 -14.26 -10.25 10.19
C ILE B 82 -14.96 -11.03 11.34
N GLU B 83 -16.11 -11.66 11.04
CA GLU B 83 -16.87 -12.48 11.98
C GLU B 83 -16.04 -13.66 12.48
N ASP B 84 -15.18 -14.22 11.61
CA ASP B 84 -14.32 -15.37 11.92
C ASP B 84 -13.08 -14.98 12.75
N TYR B 85 -12.78 -13.67 12.85
CA TYR B 85 -11.64 -13.21 13.64
C TYR B 85 -11.98 -13.26 15.14
N PRO B 86 -11.04 -13.68 16.04
CA PRO B 86 -11.37 -13.70 17.48
C PRO B 86 -11.50 -12.29 18.04
N SER B 88 -10.37 -11.00 20.69
CA SER B 88 -9.09 -10.62 21.29
C SER B 88 -8.05 -10.08 20.28
N SER B 89 -8.28 -10.28 18.95
CA SER B 89 -7.34 -9.81 17.93
C SER B 89 -7.43 -8.31 17.74
N GLU B 90 -6.26 -7.65 17.58
CA GLU B 90 -6.13 -6.19 17.39
C GLU B 90 -7.16 -5.62 16.39
N ILE B 91 -7.28 -6.29 15.22
CA ILE B 91 -8.13 -5.90 14.11
C ILE B 91 -9.64 -6.01 14.43
N LYS B 92 -10.05 -7.04 15.17
CA LYS B 92 -11.46 -7.17 15.54
C LYS B 92 -11.80 -6.10 16.58
N ILE B 93 -10.84 -5.81 17.51
CA ILE B 93 -10.95 -4.79 18.56
C ILE B 93 -11.21 -3.44 17.91
N TYR B 94 -10.43 -3.12 16.86
CA TYR B 94 -10.53 -1.89 16.09
C TYR B 94 -11.86 -1.78 15.36
N TYR B 95 -12.32 -2.89 14.74
CA TYR B 95 -13.58 -2.99 14.01
C TYR B 95 -14.76 -2.68 14.95
N ASN B 96 -14.72 -3.28 16.15
CA ASN B 96 -15.72 -3.11 17.19
C ASN B 96 -15.78 -1.70 17.71
N GLU B 97 -14.61 -1.08 17.74
CA GLU B 97 -14.35 0.28 18.17
C GLU B 97 -15.06 1.26 17.20
N LEU B 98 -14.92 1.00 15.89
CA LEU B 98 -15.49 1.76 14.79
C LEU B 98 -16.99 1.56 14.56
N GLN B 99 -17.54 0.38 14.88
CA GLN B 99 -18.98 0.14 14.72
C GLN B 99 -19.76 1.07 15.66
N ASN B 100 -19.15 1.42 16.80
CA ASN B 100 -19.71 2.31 17.81
C ASN B 100 -19.69 3.78 17.36
N LYS B 101 -18.61 4.21 16.69
CA LYS B 101 -18.41 5.58 16.17
C LYS B 101 -19.39 5.85 15.02
N PRO B 102 -20.28 6.85 15.15
CA PRO B 102 -21.26 7.10 14.07
C PRO B 102 -20.77 8.06 12.96
N ASP B 103 -20.03 7.50 11.96
CA ASP B 103 -19.50 8.20 10.79
C ASP B 103 -19.63 7.29 9.58
N LYS B 106 -15.93 6.25 8.40
CA LYS B 106 -15.04 5.23 8.97
C LYS B 106 -14.51 4.28 7.87
N ALA B 107 -13.44 3.51 8.18
CA ALA B 107 -12.78 2.60 7.25
C ALA B 107 -13.65 1.43 6.78
N ARG B 108 -13.34 0.93 5.56
CA ARG B 108 -14.07 -0.16 4.92
C ARG B 108 -13.31 -1.46 5.15
N PHE B 109 -13.89 -2.40 5.91
CA PHE B 109 -13.23 -3.68 6.23
C PHE B 109 -13.60 -4.75 5.20
N TRP B 110 -12.69 -5.05 4.26
CA TRP B 110 -12.99 -6.04 3.23
C TRP B 110 -12.37 -7.40 3.46
N SER B 111 -13.21 -8.44 3.37
CA SER B 111 -12.76 -9.83 3.45
C SER B 111 -11.91 -10.12 2.19
N PHE B 112 -10.89 -10.98 2.25
CA PHE B 112 -10.06 -11.16 1.03
C PHE B 112 -10.84 -11.74 -0.15
N LYS B 114 -14.04 -10.62 -0.79
CA LYS B 114 -14.66 -9.37 -1.22
C LYS B 114 -13.63 -8.55 -2.01
N THR B 115 -12.37 -8.50 -1.54
CA THR B 115 -11.30 -7.75 -2.20
C THR B 115 -11.00 -8.34 -3.56
N GLN B 116 -11.09 -9.69 -3.70
CA GLN B 116 -10.90 -10.42 -4.94
C GLN B 116 -12.00 -10.01 -5.91
N ARG B 117 -13.25 -9.98 -5.42
CA ARG B 117 -14.43 -9.60 -6.21
C ARG B 117 -14.27 -8.17 -6.75
N PHE B 118 -13.96 -7.20 -5.85
CA PHE B 118 -13.77 -5.80 -6.17
C PHE B 118 -12.73 -5.58 -7.27
N VAL B 119 -11.49 -6.04 -7.05
CA VAL B 119 -10.44 -5.89 -8.06
C VAL B 119 -10.87 -6.46 -9.40
N SER B 120 -11.55 -7.65 -9.40
CA SER B 120 -12.06 -8.30 -10.60
C SER B 120 -13.01 -7.36 -11.34
N ASN B 121 -13.84 -6.58 -10.58
CA ASN B 121 -14.76 -5.61 -11.18
C ASN B 121 -13.96 -4.38 -11.65
N GLY B 123 -11.16 -4.61 -13.18
CA GLY B 123 -10.49 -5.16 -14.36
C GLY B 123 -9.25 -5.97 -14.06
N PHE B 124 -9.07 -6.43 -12.79
CA PHE B 124 -7.90 -7.18 -12.34
C PHE B 124 -8.24 -8.47 -11.65
N ASP B 125 -7.99 -9.59 -12.34
CA ASP B 125 -8.26 -10.94 -11.86
C ASP B 125 -7.02 -11.69 -11.38
N ILE B 126 -7.16 -12.43 -10.25
CA ILE B 126 -6.13 -13.30 -9.67
C ILE B 126 -6.69 -14.71 -9.41
N SER C 12 14.35 6.22 -1.01
CA SER C 12 14.23 4.84 -1.49
C SER C 12 14.75 3.82 -0.47
N LYS C 13 15.56 4.28 0.52
CA LYS C 13 16.14 3.38 1.52
C LYS C 13 15.16 3.04 2.63
N SER C 14 14.45 4.03 3.22
CA SER C 14 13.45 3.76 4.27
C SER C 14 12.17 3.28 3.61
N SER C 15 12.01 3.62 2.32
CA SER C 15 10.90 3.21 1.46
C SER C 15 10.97 1.69 1.28
N TRP C 16 12.21 1.18 1.15
CA TRP C 16 12.55 -0.22 1.01
C TRP C 16 12.12 -0.96 2.28
N ARG C 17 12.52 -0.45 3.46
CA ARG C 17 12.18 -1.04 4.76
C ARG C 17 10.66 -1.11 4.94
N GLN C 18 9.97 0.01 4.61
CA GLN C 18 8.51 0.13 4.68
C GLN C 18 7.79 -0.81 3.74
N GLU C 19 8.28 -0.95 2.49
CA GLU C 19 7.70 -1.84 1.51
C GLU C 19 7.82 -3.31 1.98
N TRP C 20 8.99 -3.67 2.59
CA TRP C 20 9.23 -5.01 3.11
C TRP C 20 8.33 -5.29 4.26
N LEU C 21 8.23 -4.36 5.23
CA LEU C 21 7.40 -4.50 6.45
C LEU C 21 5.95 -4.87 6.13
N ALA C 22 5.43 -4.24 5.05
CA ALA C 22 4.09 -4.47 4.51
C ALA C 22 3.99 -5.88 3.91
N ASN C 23 5.00 -6.31 3.07
CA ASN C 23 5.03 -7.64 2.45
C ASN C 23 5.14 -8.76 3.47
N LEU C 24 5.99 -8.59 4.49
CA LEU C 24 6.22 -9.62 5.52
C LEU C 24 4.93 -9.90 6.29
N LYS C 25 3.94 -8.94 6.33
CA LYS C 25 2.66 -9.17 6.99
C LYS C 25 1.83 -10.16 6.16
N LEU C 26 2.25 -10.36 4.89
CA LEU C 26 1.58 -11.24 3.93
C LEU C 26 2.48 -12.38 3.45
N ILE C 27 3.51 -12.76 4.24
CA ILE C 27 4.36 -13.88 3.80
C ILE C 27 4.53 -14.89 4.95
N SER C 28 4.70 -16.17 4.55
CA SER C 28 4.88 -17.31 5.45
C SER C 28 6.36 -17.65 5.41
N VAL C 29 7.00 -17.57 6.59
CA VAL C 29 8.42 -17.81 6.83
C VAL C 29 8.54 -19.18 7.52
N SER C 30 9.39 -20.07 6.96
CA SER C 30 9.65 -21.39 7.52
C SER C 30 11.13 -21.48 7.76
N LEU C 31 11.48 -21.81 9.02
CA LEU C 31 12.86 -21.95 9.46
C LEU C 31 13.18 -23.45 9.48
N VAL C 32 14.25 -23.81 8.74
CA VAL C 32 14.78 -25.13 8.49
C VAL C 32 15.24 -25.84 9.77
N ASP C 33 15.13 -27.20 9.83
CA ASP C 33 15.54 -28.07 10.94
C ASP C 33 16.94 -28.73 10.71
N GLU C 34 17.30 -28.95 9.42
CA GLU C 34 18.55 -29.62 8.99
C GLU C 34 19.73 -28.65 9.03
N PHE C 35 20.96 -29.18 9.09
CA PHE C 35 22.17 -28.38 9.16
C PHE C 35 23.10 -28.64 7.96
N PRO C 36 24.02 -27.69 7.58
CA PRO C 36 24.99 -27.99 6.51
C PRO C 36 25.98 -29.04 7.00
N SER C 37 26.73 -29.64 6.08
CA SER C 37 27.69 -30.69 6.42
C SER C 37 28.84 -30.18 7.30
N GLU C 38 29.41 -31.12 8.07
CA GLU C 38 30.58 -30.93 8.95
C GLU C 38 30.39 -29.88 10.06
N LEU C 39 29.61 -30.18 11.12
CA LEU C 39 29.47 -29.24 12.23
C LEU C 39 29.62 -29.87 13.60
N SER C 40 30.31 -29.16 14.53
CA SER C 40 30.50 -29.60 15.91
C SER C 40 29.22 -29.37 16.73
N ASP C 41 29.07 -30.04 17.91
CA ASP C 41 27.89 -29.86 18.78
C ASP C 41 27.70 -28.37 19.23
N SER C 42 28.84 -27.65 19.51
CA SER C 42 28.90 -26.22 19.88
C SER C 42 28.48 -25.39 18.68
N ASP C 43 29.11 -25.62 17.52
CA ASP C 43 28.80 -24.95 16.24
C ASP C 43 27.29 -24.98 16.03
N ARG C 44 26.69 -26.18 16.12
CA ARG C 44 25.24 -26.39 15.99
C ARG C 44 24.42 -25.63 17.04
N GLN C 45 24.87 -25.63 18.31
CA GLN C 45 24.17 -24.93 19.40
C GLN C 45 24.12 -23.45 19.15
N ILE C 46 25.27 -22.84 18.88
CA ILE C 46 25.43 -21.41 18.58
C ILE C 46 24.46 -21.01 17.46
N ILE C 47 24.43 -21.80 16.34
CA ILE C 47 23.50 -21.59 15.20
C ILE C 47 22.06 -21.65 15.68
N ASN C 48 21.70 -22.71 16.45
CA ASN C 48 20.35 -22.93 17.00
C ASN C 48 19.86 -21.76 17.84
N GLU C 49 20.71 -21.20 18.71
CA GLU C 49 20.36 -20.04 19.52
C GLU C 49 19.97 -18.88 18.60
N LYS C 50 20.82 -18.59 17.59
CA LYS C 50 20.59 -17.52 16.61
C LYS C 50 19.33 -17.77 15.81
N GLN C 52 16.67 -19.47 16.62
CA GLN C 52 15.59 -19.20 17.58
C GLN C 52 15.22 -17.72 17.68
N LEU C 53 16.25 -16.84 17.68
CA LEU C 53 16.12 -15.38 17.76
C LEU C 53 15.50 -14.82 16.48
N LEU C 54 15.94 -15.33 15.30
CA LEU C 54 15.44 -14.92 13.98
C LEU C 54 13.93 -15.23 13.92
N LYS C 55 13.54 -16.50 14.30
CA LYS C 55 12.15 -16.98 14.37
C LYS C 55 11.28 -15.97 15.19
N ASP C 56 11.81 -15.46 16.31
CA ASP C 56 11.08 -14.48 17.10
C ASP C 56 10.90 -13.18 16.34
N ILE C 57 11.98 -12.60 15.77
CA ILE C 57 11.86 -11.36 15.01
C ILE C 57 10.80 -11.54 13.94
N PHE C 58 10.93 -12.62 13.13
CA PHE C 58 9.98 -12.88 12.04
C PHE C 58 8.54 -12.97 12.50
N ALA C 59 8.31 -13.71 13.57
CA ALA C 59 6.96 -13.86 14.09
C ALA C 59 6.42 -12.61 14.76
N ASN C 60 7.12 -12.12 15.79
CA ASN C 60 6.76 -11.01 16.67
C ASN C 60 6.94 -9.61 16.13
N ASN C 61 8.05 -9.34 15.46
CA ASN C 61 8.33 -8.00 14.96
C ASN C 61 7.94 -7.78 13.51
N LEU C 62 8.33 -8.70 12.63
CA LEU C 62 8.03 -8.57 11.22
C LEU C 62 6.61 -9.01 10.88
N LYS C 63 5.89 -9.59 11.86
CA LYS C 63 4.51 -10.04 11.80
C LYS C 63 4.25 -11.12 10.69
N SER C 64 5.31 -11.88 10.32
CA SER C 64 5.19 -12.95 9.34
C SER C 64 4.60 -14.18 10.01
N ALA C 65 4.09 -15.14 9.20
CA ALA C 65 3.49 -16.38 9.72
C ALA C 65 4.55 -17.42 9.78
N ILE C 66 4.70 -18.13 10.91
CA ILE C 66 5.72 -19.15 11.00
C ILE C 66 5.17 -20.47 10.54
N SER C 67 5.69 -20.97 9.41
CA SER C 67 5.32 -22.27 8.84
C SER C 67 6.23 -23.41 9.37
N ASN C 68 5.63 -24.60 9.54
CA ASN C 68 6.32 -25.81 10.01
C ASN C 68 6.69 -26.66 8.82
N ASN C 69 6.38 -26.15 7.62
CA ASN C 69 6.61 -26.84 6.37
C ASN C 69 7.25 -25.83 5.42
N PHE C 70 8.48 -26.13 4.98
CA PHE C 70 9.25 -25.30 4.04
C PHE C 70 8.66 -25.42 2.61
N ARG C 71 7.74 -26.37 2.47
CA ARG C 71 7.04 -26.65 1.23
C ARG C 71 5.79 -25.76 1.14
N GLU C 72 5.30 -25.20 2.29
CA GLU C 72 4.14 -24.29 2.38
C GLU C 72 4.58 -22.90 2.90
N SER C 73 5.66 -22.36 2.31
CA SER C 73 6.19 -21.05 2.73
C SER C 73 6.83 -20.25 1.58
N ASP C 74 6.82 -18.89 1.71
CA ASP C 74 7.36 -17.93 0.72
C ASP C 74 8.85 -17.59 0.97
N ILE C 75 9.28 -17.56 2.26
CA ILE C 75 10.67 -17.34 2.66
C ILE C 75 11.13 -18.52 3.52
N ILE C 76 12.31 -19.08 3.19
CA ILE C 76 12.90 -20.23 3.88
C ILE C 76 14.25 -19.81 4.49
N ILE C 77 14.42 -19.99 5.80
CA ILE C 77 15.67 -19.61 6.50
C ILE C 77 16.53 -20.86 6.72
N LEU C 78 17.76 -20.88 6.16
CA LEU C 78 18.62 -22.03 6.37
C LEU C 78 19.53 -21.85 7.58
N LYS C 79 20.21 -22.94 8.00
CA LYS C 79 21.18 -22.92 9.10
C LYS C 79 22.60 -22.74 8.52
N GLY C 80 22.67 -22.29 7.27
CA GLY C 80 23.92 -22.05 6.56
C GLY C 80 23.67 -21.81 5.08
N GLU C 81 24.70 -21.94 4.24
CA GLU C 81 24.54 -21.78 2.80
C GLU C 81 24.01 -23.06 2.18
N ILE C 82 23.07 -22.96 1.22
CA ILE C 82 22.45 -24.10 0.52
C ILE C 82 23.54 -25.04 -0.12
N GLU C 83 24.66 -24.46 -0.61
CA GLU C 83 25.80 -25.19 -1.18
C GLU C 83 26.46 -26.13 -0.19
N ASP C 84 26.51 -25.74 1.10
CA ASP C 84 27.11 -26.53 2.18
C ASP C 84 26.20 -27.67 2.66
N TYR C 85 24.92 -27.66 2.25
CA TYR C 85 23.98 -28.72 2.64
C TYR C 85 24.23 -29.98 1.79
N PRO C 86 24.19 -31.19 2.37
CA PRO C 86 24.41 -32.40 1.56
C PRO C 86 23.24 -32.65 0.59
N SER C 88 21.70 -35.33 -0.11
CA SER C 88 20.78 -36.27 0.56
C SER C 88 19.75 -35.62 1.51
N SER C 89 19.99 -34.35 1.93
CA SER C 89 19.09 -33.65 2.85
C SER C 89 17.81 -33.23 2.17
N GLU C 90 16.66 -33.39 2.86
CA GLU C 90 15.31 -33.04 2.40
C GLU C 90 15.27 -31.66 1.76
N ILE C 91 15.84 -30.62 2.44
CA ILE C 91 15.84 -29.23 2.00
C ILE C 91 16.59 -29.07 0.68
N LYS C 92 17.82 -29.68 0.55
CA LYS C 92 18.60 -29.58 -0.69
C LYS C 92 17.84 -30.21 -1.84
N ILE C 93 17.19 -31.38 -1.57
CA ILE C 93 16.35 -32.13 -2.51
C ILE C 93 15.22 -31.22 -3.02
N TYR C 94 14.54 -30.51 -2.10
CA TYR C 94 13.44 -29.58 -2.39
C TYR C 94 13.93 -28.38 -3.20
N TYR C 95 15.10 -27.82 -2.84
CA TYR C 95 15.73 -26.68 -3.53
C TYR C 95 16.01 -27.05 -4.98
N ASN C 96 16.56 -28.26 -5.18
CA ASN C 96 16.88 -28.82 -6.49
C ASN C 96 15.65 -29.05 -7.37
N GLU C 97 14.48 -29.44 -6.78
CA GLU C 97 13.27 -29.64 -7.60
C GLU C 97 12.62 -28.29 -7.97
N LEU C 98 12.82 -27.27 -7.11
CA LEU C 98 12.33 -25.93 -7.39
C LEU C 98 13.24 -25.22 -8.40
N GLN C 99 14.52 -25.59 -8.38
CA GLN C 99 15.56 -25.07 -9.26
C GLN C 99 15.70 -26.03 -10.45
N ALA C 104 10.90 -20.66 -12.07
CA ALA C 104 10.24 -19.38 -11.82
C ALA C 104 9.23 -19.45 -10.63
N LYS C 105 8.65 -18.26 -10.19
CA LYS C 105 7.67 -18.03 -9.09
C LYS C 105 7.75 -19.08 -7.94
N LYS C 106 8.87 -19.07 -7.22
CA LYS C 106 9.20 -20.04 -6.17
C LYS C 106 9.66 -19.39 -4.84
N ALA C 107 9.79 -20.21 -3.76
CA ALA C 107 10.22 -19.76 -2.43
C ALA C 107 11.64 -19.19 -2.39
N ARG C 108 11.91 -18.28 -1.45
CA ARG C 108 13.22 -17.63 -1.29
C ARG C 108 14.06 -18.37 -0.26
N PHE C 109 15.16 -19.02 -0.70
CA PHE C 109 16.08 -19.77 0.17
C PHE C 109 17.19 -18.83 0.65
N TRP C 110 17.05 -18.36 1.89
CA TRP C 110 18.02 -17.46 2.50
C TRP C 110 18.98 -18.18 3.43
N SER C 111 20.27 -17.85 3.30
CA SER C 111 21.29 -18.41 4.17
C SER C 111 21.18 -17.74 5.52
N PHE C 112 21.66 -18.46 6.53
CA PHE C 112 21.69 -18.08 7.92
C PHE C 112 22.29 -16.68 8.11
N LYS C 114 22.62 -14.36 5.56
CA LYS C 114 21.81 -13.43 4.76
C LYS C 114 20.61 -13.01 5.57
N THR C 115 19.96 -13.96 6.27
CA THR C 115 18.77 -13.68 7.11
C THR C 115 19.15 -12.68 8.20
N GLN C 116 20.33 -12.90 8.85
CA GLN C 116 20.89 -12.05 9.89
C GLN C 116 21.06 -10.64 9.37
N ARG C 117 21.65 -10.51 8.16
CA ARG C 117 21.88 -9.24 7.47
C ARG C 117 20.56 -8.54 7.24
N PHE C 118 19.57 -9.24 6.62
CA PHE C 118 18.22 -8.72 6.34
C PHE C 118 17.54 -8.14 7.58
N VAL C 119 17.39 -8.94 8.68
CA VAL C 119 16.74 -8.48 9.93
C VAL C 119 17.45 -7.24 10.49
N SER C 120 18.79 -7.18 10.37
CA SER C 120 19.60 -6.04 10.81
C SER C 120 19.24 -4.80 9.99
N ASN C 121 18.98 -4.95 8.67
CA ASN C 121 18.58 -3.83 7.82
C ASN C 121 17.14 -3.47 8.13
N GLY C 123 15.99 -3.28 11.07
CA GLY C 123 16.12 -2.61 12.35
C GLY C 123 16.17 -3.54 13.53
N PHE C 124 16.48 -4.83 13.30
CA PHE C 124 16.55 -5.84 14.35
C PHE C 124 17.90 -6.53 14.33
N ASP C 125 18.87 -5.85 14.98
CA ASP C 125 20.27 -6.23 15.05
C ASP C 125 20.45 -7.22 16.19
N ILE C 126 21.58 -7.97 16.20
CA ILE C 126 21.95 -8.91 17.26
C ILE C 126 23.46 -8.78 17.52
N SER D 5 10.82 -10.60 -7.40
CA SER D 5 9.96 -9.62 -6.73
C SER D 5 10.79 -8.35 -6.31
N LEU D 6 10.85 -8.06 -4.98
CA LEU D 6 11.56 -6.97 -4.33
C LEU D 6 12.96 -7.47 -3.89
N ASP D 7 13.93 -6.58 -3.75
CA ASP D 7 15.29 -6.94 -3.37
C ASP D 7 15.37 -7.21 -1.87
N SER D 8 16.11 -8.25 -1.47
CA SER D 8 16.35 -8.63 -0.07
C SER D 8 17.38 -7.71 0.56
N PRO D 10 19.30 -3.73 0.70
CA PRO D 10 18.92 -2.32 0.50
C PRO D 10 19.61 -1.68 -0.70
N PRO D 11 19.09 -0.56 -1.28
CA PRO D 11 19.75 0.06 -2.44
C PRO D 11 21.22 0.45 -2.27
N SER E 5 -20.61 6.11 2.08
CA SER E 5 -19.94 6.75 0.94
C SER E 5 -20.48 6.20 -0.42
N LEU E 6 -19.62 5.53 -1.22
CA LEU E 6 -19.91 4.93 -2.53
C LEU E 6 -20.09 3.42 -2.33
N ASP E 7 -20.74 2.70 -3.24
CA ASP E 7 -20.93 1.25 -3.09
C ASP E 7 -19.66 0.52 -3.52
N SER E 8 -19.27 -0.53 -2.79
CA SER E 8 -18.10 -1.35 -3.11
C SER E 8 -18.41 -2.32 -4.24
N PRO E 10 -20.73 -3.19 -7.88
CA PRO E 10 -21.27 -2.41 -9.00
C PRO E 10 -22.81 -2.51 -9.09
N PRO E 11 -23.50 -1.56 -9.78
CA PRO E 11 -24.98 -1.67 -9.86
C PRO E 11 -25.47 -2.95 -10.55
N SER F 5 -4.60 32.27 -17.79
CA SER F 5 -4.69 33.74 -17.88
C SER F 5 -5.51 34.36 -16.73
N LEU F 6 -6.18 33.49 -15.92
CA LEU F 6 -6.98 33.92 -14.76
C LEU F 6 -6.19 33.66 -13.47
N ASP F 7 -6.36 34.54 -12.48
CA ASP F 7 -5.66 34.46 -11.21
C ASP F 7 -6.26 33.38 -10.32
N SER F 8 -5.39 32.62 -9.61
CA SER F 8 -5.78 31.57 -8.67
C SER F 8 -6.24 32.18 -7.35
N PRO F 10 -8.01 35.60 -5.18
CA PRO F 10 -9.02 36.63 -5.44
C PRO F 10 -8.42 38.05 -5.40
N PRO F 11 -9.07 39.09 -5.97
CA PRO F 11 -8.48 40.44 -5.89
C PRO F 11 -8.35 40.94 -4.43
N ASN F 12 -7.11 40.93 -3.91
CA ASN F 12 -6.80 41.38 -2.56
C ASN F 12 -6.80 42.91 -2.58
N THR F 13 -7.76 43.54 -1.87
CA THR F 13 -7.91 45.02 -1.87
C THR F 13 -8.00 45.62 -0.43
N SER F 14 -6.87 45.51 0.33
CA SER F 14 -6.68 46.01 1.70
C SER F 14 -5.19 46.36 1.97
#